data_2P17
#
_entry.id   2P17
#
_cell.length_a   53.571
_cell.length_b   59.823
_cell.length_c   69.685
_cell.angle_alpha   90.00
_cell.angle_beta   90.00
_cell.angle_gamma   90.00
#
_symmetry.space_group_name_H-M   'P 21 21 21'
#
loop_
_entity.id
_entity.type
_entity.pdbx_description
1 polymer 'Pirin-like protein'
2 non-polymer 'FE (III) ION'
3 water water
#
_entity_poly.entity_id   1
_entity_poly.type   'polypeptide(L)'
_entity_poly.pdbx_seq_one_letter_code
;(MSE)AIQRRIRRVKTVQ(MSE)TTNSPIHRSGSVLEPGNWQEYDPFLLL(MSE)EDIFERGTFDVHPHRGIETVTYVIS
GELEHFDSKAGHSTLGPGDVQW(MSE)TAGRGVVHKEDPASGSTVHSLQLWVNLPSAYK(MSE)TEPRYQNLRSKD
(MSE)PVRKEEGATIRVFSGSSKGVKAPTKNIVPVT(MSE)VE(MSE)IVEPGTTVVQDLPGHYNGFLYILEGSGVFGAD
NIEGKAGQALFFSRHNRGEETELNVTAREKLRLLLYAGEPVNEPVVAYGPFV(MSE)NTPEQIREAIRDYQEGRFGR
;
_entity_poly.pdbx_strand_id   A
#
# COMPACT_ATOMS: atom_id res chain seq x y z
N ALA A 2 23.55 -7.74 3.93
CA ALA A 2 22.57 -8.03 2.87
C ALA A 2 22.72 -7.05 1.73
N ILE A 3 22.26 -7.45 0.55
CA ILE A 3 22.30 -6.58 -0.60
C ILE A 3 21.38 -5.39 -0.32
N GLN A 4 21.93 -4.18 -0.42
CA GLN A 4 21.20 -2.95 -0.14
C GLN A 4 20.46 -2.43 -1.36
N ARG A 5 19.15 -2.29 -1.23
CA ARG A 5 18.36 -1.66 -2.29
C ARG A 5 18.64 -0.17 -2.40
N ARG A 6 18.48 0.34 -3.63
CA ARG A 6 18.61 1.74 -3.97
C ARG A 6 17.22 2.27 -4.31
N ILE A 7 17.08 3.60 -4.25
CA ILE A 7 15.90 4.27 -4.78
C ILE A 7 16.15 4.62 -6.24
N ARG A 8 15.40 3.98 -7.12
CA ARG A 8 15.61 4.15 -8.55
C ARG A 8 14.84 5.31 -9.15
N ARG A 9 13.82 5.79 -8.44
CA ARG A 9 13.01 6.91 -8.92
C ARG A 9 12.23 7.53 -7.78
N VAL A 10 12.08 8.85 -7.81
CA VAL A 10 11.31 9.58 -6.80
C VAL A 10 10.15 10.33 -7.47
N LYS A 11 8.93 9.90 -7.20
CA LYS A 11 7.73 10.53 -7.79
C LYS A 11 7.06 11.47 -6.78
N THR A 12 6.74 12.69 -7.22
CA THR A 12 6.02 13.64 -6.39
C THR A 12 4.57 13.64 -6.86
N VAL A 13 3.65 13.27 -5.98
CA VAL A 13 2.23 13.18 -6.36
C VAL A 13 1.70 14.59 -6.64
N GLN A 14 1.02 14.72 -7.79
CA GLN A 14 0.35 15.97 -8.19
C GLN A 14 -1.15 15.74 -8.11
N THR A 16 -5.20 16.62 -8.22
CA THR A 16 -6.11 17.40 -9.05
C THR A 16 -7.50 17.38 -8.43
N THR A 17 -8.28 18.41 -8.69
CA THR A 17 -9.65 18.47 -8.20
C THR A 17 -10.60 17.87 -9.24
N ASN A 18 -11.24 16.76 -8.88
CA ASN A 18 -12.21 16.09 -9.74
C ASN A 18 -13.55 16.79 -9.67
N SER A 19 -13.97 17.13 -8.46
CA SER A 19 -15.27 17.72 -8.20
C SER A 19 -15.23 18.44 -6.87
N PRO A 20 -16.31 19.15 -6.51
CA PRO A 20 -16.37 19.83 -5.22
C PRO A 20 -16.23 18.88 -4.02
N ILE A 21 -16.42 17.59 -4.26
CA ILE A 21 -16.36 16.60 -3.15
C ILE A 21 -15.23 15.58 -3.32
N HIS A 22 -14.36 15.78 -4.31
CA HIS A 22 -13.35 14.78 -4.64
C HIS A 22 -12.09 15.35 -5.26
N ARG A 23 -10.96 15.11 -4.58
CA ARG A 23 -9.64 15.41 -5.12
C ARG A 23 -8.87 14.09 -5.21
N SER A 24 -7.98 13.98 -6.18
CA SER A 24 -7.25 12.73 -6.33
C SER A 24 -5.84 12.90 -6.87
N GLY A 25 -5.01 11.90 -6.63
CA GLY A 25 -3.62 11.94 -7.16
C GLY A 25 -3.18 10.55 -7.56
N SER A 26 -2.46 10.46 -8.67
CA SER A 26 -1.91 9.19 -9.13
C SER A 26 -0.53 8.98 -8.54
N VAL A 27 -0.38 7.89 -7.78
CA VAL A 27 0.91 7.55 -7.18
C VAL A 27 1.62 6.56 -8.10
N LEU A 28 0.92 5.49 -8.46
CA LEU A 28 1.32 4.60 -9.53
C LEU A 28 0.24 4.75 -10.59
N GLU A 29 0.63 5.27 -11.75
CA GLU A 29 -0.30 5.47 -12.85
C GLU A 29 -0.70 4.12 -13.44
N PRO A 30 -1.93 4.03 -13.97
CA PRO A 30 -2.36 2.79 -14.64
C PRO A 30 -1.66 2.61 -15.99
N GLY A 31 -1.72 1.39 -16.52
CA GLY A 31 -1.17 1.08 -17.84
C GLY A 31 0.33 0.88 -17.90
N ASN A 32 0.94 0.68 -16.73
CA ASN A 32 2.38 0.43 -16.63
C ASN A 32 2.64 -0.83 -15.80
N TRP A 33 1.87 -1.88 -16.08
CA TRP A 33 1.97 -3.14 -15.36
C TRP A 33 3.39 -3.66 -15.39
N GLN A 34 4.09 -3.41 -16.50
CA GLN A 34 5.41 -3.99 -16.71
C GLN A 34 6.43 -3.46 -15.72
N GLU A 35 6.26 -2.22 -15.27
CA GLU A 35 7.15 -1.66 -14.28
C GLU A 35 6.76 -2.03 -12.84
N TYR A 36 5.46 -2.14 -12.59
CA TYR A 36 4.97 -2.19 -11.21
C TYR A 36 4.54 -3.56 -10.70
N ASP A 37 4.51 -4.53 -11.60
CA ASP A 37 4.12 -5.93 -11.34
C ASP A 37 4.63 -6.35 -9.95
N PRO A 38 3.73 -6.81 -9.05
CA PRO A 38 2.32 -7.18 -9.24
C PRO A 38 1.29 -6.08 -9.05
N PHE A 39 1.73 -4.84 -8.86
CA PHE A 39 0.78 -3.73 -8.62
C PHE A 39 0.30 -3.13 -9.93
N LEU A 40 -0.95 -2.72 -9.96
CA LEU A 40 -1.54 -2.19 -11.20
C LEU A 40 -1.75 -0.69 -11.14
N LEU A 41 -1.98 -0.19 -9.94
CA LEU A 41 -2.12 1.25 -9.73
C LEU A 41 -2.19 1.54 -8.23
N LEU A 42 -1.92 2.80 -7.90
CA LEU A 42 -2.11 3.27 -6.52
C LEU A 42 -2.62 4.70 -6.64
N GLU A 44 -4.45 8.10 -4.68
CA GLU A 44 -4.75 8.85 -3.47
C GLU A 44 -6.06 9.60 -3.69
N ASP A 45 -6.98 9.48 -2.74
CA ASP A 45 -8.27 10.16 -2.84
C ASP A 45 -8.60 10.91 -1.58
N ILE A 46 -9.16 12.11 -1.75
CA ILE A 46 -9.77 12.84 -0.66
C ILE A 46 -11.21 13.07 -1.08
N PHE A 47 -12.16 12.51 -0.34
CA PHE A 47 -13.53 12.49 -0.83
C PHE A 47 -14.59 12.55 0.26
N GLU A 48 -15.77 13.02 -0.13
CA GLU A 48 -16.92 13.11 0.78
C GLU A 48 -18.00 12.10 0.38
N ARG A 49 -18.99 11.96 1.27
CA ARG A 49 -20.12 11.05 1.04
C ARG A 49 -20.80 11.36 -0.29
N GLY A 50 -21.04 10.29 -1.06
CA GLY A 50 -21.72 10.40 -2.35
C GLY A 50 -20.82 10.46 -3.56
N THR A 51 -19.50 10.47 -3.33
CA THR A 51 -18.53 10.58 -4.41
C THR A 51 -18.62 9.40 -5.41
N PHE A 52 -18.55 8.18 -4.88
CA PHE A 52 -18.47 7.00 -5.71
C PHE A 52 -19.80 6.28 -5.83
N ASP A 53 -19.97 5.58 -6.95
CA ASP A 53 -21.09 4.69 -7.17
C ASP A 53 -20.62 3.25 -7.01
N VAL A 54 -21.58 2.33 -6.98
CA VAL A 54 -21.27 0.91 -6.90
C VAL A 54 -20.68 0.48 -8.24
N HIS A 55 -19.57 -0.26 -8.19
CA HIS A 55 -18.87 -0.67 -9.40
C HIS A 55 -18.35 -2.10 -9.26
N PRO A 56 -18.40 -2.89 -10.35
CA PRO A 56 -17.79 -4.20 -10.36
C PRO A 56 -16.26 -4.16 -10.50
N HIS A 57 -15.61 -5.18 -9.95
CA HIS A 57 -14.22 -5.50 -10.27
C HIS A 57 -14.09 -7.02 -10.42
N ARG A 58 -13.13 -7.43 -11.23
CA ARG A 58 -12.80 -8.85 -11.36
C ARG A 58 -11.33 -9.03 -11.69
N GLY A 59 -10.77 -10.16 -11.23
CA GLY A 59 -9.42 -10.54 -11.62
C GLY A 59 -8.30 -9.77 -10.95
N ILE A 60 -8.65 -9.02 -9.90
CA ILE A 60 -7.70 -8.18 -9.15
C ILE A 60 -8.03 -8.24 -7.67
N GLU A 61 -7.13 -7.69 -6.86
CA GLU A 61 -7.43 -7.33 -5.48
C GLU A 61 -7.29 -5.83 -5.31
N THR A 62 -8.06 -5.26 -4.39
CA THR A 62 -7.87 -3.86 -4.02
C THR A 62 -7.53 -3.78 -2.55
N VAL A 63 -6.64 -2.86 -2.20
CA VAL A 63 -6.20 -2.71 -0.81
C VAL A 63 -6.30 -1.24 -0.46
N THR A 64 -7.13 -0.94 0.53
CA THR A 64 -7.37 0.46 0.93
C THR A 64 -6.69 0.73 2.27
N TYR A 65 -5.94 1.83 2.35
CA TYR A 65 -5.44 2.35 3.61
C TYR A 65 -6.12 3.69 3.87
N VAL A 66 -6.76 3.82 5.02
CA VAL A 66 -7.40 5.08 5.38
C VAL A 66 -6.43 5.96 6.15
N ILE A 67 -6.06 7.10 5.57
CA ILE A 67 -5.17 8.04 6.24
C ILE A 67 -5.94 8.78 7.33
N SER A 68 -7.10 9.29 6.96
CA SER A 68 -7.96 10.03 7.89
C SER A 68 -9.42 9.91 7.47
N GLY A 69 -10.31 10.18 8.40
CA GLY A 69 -11.75 10.08 8.15
C GLY A 69 -12.31 8.70 8.47
N GLU A 70 -13.62 8.58 8.35
CA GLU A 70 -14.33 7.35 8.65
C GLU A 70 -14.98 6.83 7.37
N LEU A 71 -14.57 5.63 6.97
CA LEU A 71 -15.03 5.04 5.71
C LEU A 71 -16.04 3.93 5.93
N GLU A 72 -17.11 3.96 5.13
CA GLU A 72 -18.08 2.86 5.08
C GLU A 72 -17.80 2.03 3.84
N HIS A 73 -17.55 0.75 4.04
CA HIS A 73 -17.30 -0.17 2.93
C HIS A 73 -18.51 -1.04 2.64
N PHE A 74 -18.80 -1.25 1.36
CA PHE A 74 -19.73 -2.27 0.94
C PHE A 74 -19.12 -3.15 -0.13
N ASP A 75 -19.35 -4.46 -0.03
CA ASP A 75 -19.19 -5.33 -1.19
C ASP A 75 -20.27 -6.42 -1.23
N SER A 76 -20.49 -6.97 -2.42
CA SER A 76 -21.59 -7.90 -2.66
C SER A 76 -21.33 -9.33 -2.20
N LYS A 77 -20.15 -9.57 -1.64
CA LYS A 77 -19.85 -10.84 -1.00
C LYS A 77 -20.13 -10.79 0.49
N ALA A 78 -19.49 -9.84 1.17
CA ALA A 78 -19.50 -9.77 2.63
C ALA A 78 -20.44 -8.71 3.22
N GLY A 79 -20.91 -7.77 2.39
CA GLY A 79 -21.82 -6.73 2.85
C GLY A 79 -21.09 -5.52 3.41
N HIS A 80 -21.55 -5.01 4.55
CA HIS A 80 -21.05 -3.75 5.10
C HIS A 80 -19.98 -3.89 6.16
N SER A 81 -19.00 -3.00 6.09
CA SER A 81 -17.97 -2.88 7.12
C SER A 81 -17.57 -1.41 7.24
N THR A 82 -16.74 -1.11 8.24
CA THR A 82 -16.22 0.25 8.42
C THR A 82 -14.71 0.24 8.62
N LEU A 83 -14.08 1.35 8.29
CA LEU A 83 -12.66 1.58 8.51
C LEU A 83 -12.48 2.95 9.10
N GLY A 84 -11.53 3.07 10.02
CA GLY A 84 -11.15 4.38 10.55
C GLY A 84 -9.70 4.70 10.24
N PRO A 85 -9.21 5.85 10.75
CA PRO A 85 -7.83 6.26 10.51
C PRO A 85 -6.81 5.18 10.86
N GLY A 86 -5.96 4.87 9.90
CA GLY A 86 -4.91 3.87 10.10
C GLY A 86 -5.29 2.44 9.78
N ASP A 87 -6.55 2.21 9.43
CA ASP A 87 -7.05 0.86 9.13
C ASP A 87 -6.90 0.53 7.66
N VAL A 88 -6.90 -0.78 7.38
CA VAL A 88 -6.73 -1.28 6.01
C VAL A 88 -7.83 -2.30 5.71
N GLN A 89 -8.24 -2.38 4.44
CA GLN A 89 -9.06 -3.50 3.99
C GLN A 89 -8.44 -4.13 2.75
N TRP A 90 -8.63 -5.43 2.60
CA TRP A 90 -8.07 -6.20 1.51
C TRP A 90 -9.22 -6.92 0.82
N THR A 92 -10.42 -9.16 -2.29
CA THR A 92 -10.11 -10.01 -3.44
C THR A 92 -11.35 -10.05 -4.32
N ALA A 93 -11.25 -9.49 -5.53
CA ALA A 93 -12.42 -9.48 -6.43
C ALA A 93 -12.62 -10.83 -7.11
N GLY A 94 -11.53 -11.46 -7.52
CA GLY A 94 -11.56 -12.76 -8.20
C GLY A 94 -12.59 -12.81 -9.32
N ARG A 95 -13.41 -13.86 -9.29
CA ARG A 95 -14.40 -14.05 -10.36
C ARG A 95 -15.36 -12.84 -10.53
N GLY A 96 -15.54 -12.08 -9.46
CA GLY A 96 -16.27 -10.83 -9.57
C GLY A 96 -17.00 -10.42 -8.31
N VAL A 97 -17.01 -9.11 -8.06
CA VAL A 97 -17.72 -8.55 -6.92
C VAL A 97 -18.03 -7.10 -7.25
N VAL A 98 -19.07 -6.53 -6.65
CA VAL A 98 -19.24 -5.08 -6.69
C VAL A 98 -18.89 -4.49 -5.34
N HIS A 99 -18.45 -3.24 -5.35
CA HIS A 99 -18.13 -2.57 -4.10
C HIS A 99 -18.45 -1.08 -4.18
N LYS A 100 -18.49 -0.44 -3.02
CA LYS A 100 -18.56 1.02 -2.93
C LYS A 100 -17.89 1.45 -1.64
N GLU A 101 -17.06 2.48 -1.73
CA GLU A 101 -16.41 3.06 -0.55
C GLU A 101 -17.02 4.44 -0.37
N ASP A 102 -17.65 4.66 0.78
CA ASP A 102 -18.40 5.89 1.01
C ASP A 102 -18.08 6.46 2.40
N PRO A 103 -17.62 7.72 2.47
CA PRO A 103 -17.42 8.28 3.82
C PRO A 103 -18.70 8.33 4.64
N ALA A 104 -18.53 8.20 5.96
CA ALA A 104 -19.62 8.44 6.90
C ALA A 104 -20.13 9.88 6.75
N SER A 105 -21.41 10.10 7.06
CA SER A 105 -21.98 11.45 7.00
C SER A 105 -21.11 12.46 7.75
N GLY A 106 -20.80 13.57 7.10
CA GLY A 106 -19.97 14.63 7.68
C GLY A 106 -18.47 14.35 7.73
N SER A 107 -18.06 13.17 7.27
CA SER A 107 -16.63 12.83 7.28
C SER A 107 -16.00 12.99 5.90
N THR A 108 -14.77 13.49 5.88
CA THR A 108 -13.95 13.49 4.67
C THR A 108 -12.91 12.38 4.81
N VAL A 109 -12.90 11.45 3.85
CA VAL A 109 -11.92 10.36 3.86
C VAL A 109 -10.72 10.71 3.00
N HIS A 110 -9.53 10.53 3.56
CA HIS A 110 -8.29 10.58 2.80
C HIS A 110 -7.76 9.16 2.78
N SER A 111 -7.63 8.57 1.58
CA SER A 111 -7.24 7.16 1.46
C SER A 111 -6.24 6.89 0.35
N LEU A 112 -5.60 5.73 0.45
CA LEU A 112 -4.74 5.23 -0.61
C LEU A 112 -5.31 3.91 -1.09
N GLN A 113 -5.59 3.80 -2.39
CA GLN A 113 -6.21 2.60 -2.96
C GLN A 113 -5.25 1.91 -3.93
N LEU A 114 -4.80 0.72 -3.55
CA LEU A 114 -3.85 -0.06 -4.34
C LEU A 114 -4.59 -1.18 -5.08
N TRP A 115 -4.21 -1.42 -6.33
CA TRP A 115 -4.69 -2.60 -7.05
C TRP A 115 -3.56 -3.57 -7.21
N VAL A 116 -3.86 -4.83 -6.91
CA VAL A 116 -2.89 -5.92 -7.06
C VAL A 116 -3.42 -6.88 -8.10
N ASN A 117 -2.59 -7.27 -9.06
CA ASN A 117 -3.02 -8.22 -10.07
C ASN A 117 -3.18 -9.61 -9.47
N LEU A 118 -4.13 -10.37 -10.01
CA LEU A 118 -4.21 -11.80 -9.73
C LEU A 118 -3.61 -12.56 -10.91
N PRO A 119 -2.79 -13.58 -10.62
CA PRO A 119 -2.29 -14.45 -11.70
C PRO A 119 -3.45 -15.20 -12.34
N SER A 120 -3.26 -15.63 -13.58
CA SER A 120 -4.29 -16.36 -14.32
C SER A 120 -4.90 -17.49 -13.49
N ALA A 121 -4.04 -18.21 -12.76
CA ALA A 121 -4.52 -19.33 -11.94
C ALA A 121 -5.56 -18.94 -10.90
N TYR A 122 -5.59 -17.67 -10.50
CA TYR A 122 -6.45 -17.24 -9.41
C TYR A 122 -7.46 -16.18 -9.81
N LYS A 123 -7.48 -15.81 -11.10
CA LYS A 123 -8.37 -14.75 -11.54
C LYS A 123 -9.84 -15.06 -11.26
N THR A 125 -10.94 -16.94 -8.66
CA THR A 125 -11.09 -17.33 -7.25
C THR A 125 -12.33 -16.66 -6.66
N GLU A 126 -12.87 -17.25 -5.59
CA GLU A 126 -14.03 -16.68 -4.91
C GLU A 126 -13.67 -15.31 -4.36
N PRO A 127 -14.61 -14.33 -4.45
CA PRO A 127 -14.33 -13.05 -3.79
C PRO A 127 -14.22 -13.22 -2.28
N ARG A 128 -13.40 -12.37 -1.65
CA ARG A 128 -13.12 -12.46 -0.22
C ARG A 128 -12.81 -11.05 0.26
N TYR A 129 -13.21 -10.76 1.50
CA TYR A 129 -12.97 -9.47 2.12
C TYR A 129 -12.29 -9.68 3.46
N GLN A 130 -11.23 -8.91 3.69
CA GLN A 130 -10.54 -8.90 4.98
C GLN A 130 -10.49 -7.48 5.52
N ASN A 131 -11.01 -7.32 6.73
CA ASN A 131 -10.94 -6.04 7.44
C ASN A 131 -9.74 -6.08 8.38
N LEU A 132 -8.77 -5.21 8.16
CA LEU A 132 -7.50 -5.26 8.86
C LEU A 132 -7.33 -4.05 9.76
N ARG A 133 -7.85 -4.15 10.97
CA ARG A 133 -7.76 -3.06 11.92
C ARG A 133 -6.31 -2.89 12.37
N SER A 134 -5.86 -1.64 12.39
CA SER A 134 -4.50 -1.31 12.79
C SER A 134 -4.14 -2.02 14.10
N LYS A 135 -5.04 -1.95 15.08
CA LYS A 135 -4.77 -2.47 16.42
C LYS A 135 -4.58 -3.99 16.44
N ASP A 136 -5.06 -4.69 15.41
CA ASP A 136 -5.00 -6.15 15.36
C ASP A 136 -3.75 -6.67 14.64
N PRO A 138 0.29 -7.30 13.82
CA PRO A 138 1.52 -7.42 14.62
C PRO A 138 2.46 -6.26 14.32
N VAL A 139 3.37 -5.98 15.25
CA VAL A 139 4.23 -4.83 15.15
C VAL A 139 5.65 -5.20 15.56
N ARG A 140 6.63 -4.79 14.76
CA ARG A 140 8.01 -4.73 15.18
C ARG A 140 8.21 -3.46 15.99
N LYS A 141 8.50 -3.60 17.27
CA LYS A 141 8.78 -2.46 18.11
C LYS A 141 10.28 -2.31 18.27
N GLU A 142 10.80 -1.17 17.85
CA GLU A 142 12.22 -0.87 18.02
C GLU A 142 12.35 0.46 18.76
N GLU A 143 13.55 0.73 19.26
CA GLU A 143 13.84 2.02 19.86
C GLU A 143 13.67 3.07 18.77
N GLY A 144 12.70 3.96 18.98
CA GLY A 144 12.46 5.07 18.07
C GLY A 144 11.66 4.71 16.81
N ALA A 145 11.14 3.49 16.74
CA ALA A 145 10.34 3.13 15.56
C ALA A 145 9.34 2.01 15.81
N THR A 146 8.23 2.07 15.08
CA THR A 146 7.31 0.94 15.03
C THR A 146 7.08 0.62 13.58
N ILE A 147 7.07 -0.68 13.28
CA ILE A 147 6.81 -1.18 11.94
C ILE A 147 5.60 -2.11 12.09
N ARG A 148 4.46 -1.64 11.60
CA ARG A 148 3.20 -2.38 11.70
C ARG A 148 3.00 -3.15 10.41
N VAL A 149 2.77 -4.45 10.54
CA VAL A 149 2.74 -5.33 9.37
C VAL A 149 1.29 -5.62 9.00
N PHE A 150 0.85 -5.10 7.85
CA PHE A 150 -0.50 -5.33 7.34
C PHE A 150 -0.59 -6.56 6.44
N SER A 151 0.53 -6.90 5.82
CA SER A 151 0.62 -8.08 4.96
C SER A 151 2.07 -8.50 4.84
N GLY A 152 2.30 -9.80 4.70
CA GLY A 152 3.66 -10.30 4.54
C GLY A 152 4.43 -10.21 5.84
N SER A 153 5.71 -9.85 5.74
CA SER A 153 6.54 -9.89 6.94
C SER A 153 7.59 -8.82 6.99
N SER A 154 8.07 -8.58 8.21
CA SER A 154 9.15 -7.64 8.42
C SER A 154 10.03 -8.25 9.50
N LYS A 155 11.25 -8.59 9.11
CA LYS A 155 12.22 -9.31 9.97
C LYS A 155 11.53 -10.48 10.72
N GLY A 156 10.74 -11.24 9.98
CA GLY A 156 10.11 -12.45 10.52
C GLY A 156 8.79 -12.21 11.24
N VAL A 157 8.43 -10.95 11.48
CA VAL A 157 7.10 -10.62 12.04
C VAL A 157 6.08 -10.67 10.90
N LYS A 158 5.12 -11.59 11.02
CA LYS A 158 4.25 -11.96 9.90
C LYS A 158 2.80 -11.62 10.18
N ALA A 159 2.16 -10.89 9.27
CA ALA A 159 0.73 -10.62 9.42
C ALA A 159 -0.04 -11.88 9.01
N PRO A 160 -1.20 -12.12 9.64
CA PRO A 160 -1.98 -13.30 9.25
C PRO A 160 -2.82 -13.09 7.98
N THR A 161 -2.77 -11.88 7.44
CA THR A 161 -3.50 -11.52 6.25
C THR A 161 -3.32 -12.56 5.15
N LYS A 162 -4.44 -13.00 4.58
CA LYS A 162 -4.39 -13.99 3.50
C LYS A 162 -3.95 -13.31 2.20
N ASN A 163 -3.00 -13.94 1.52
CA ASN A 163 -2.48 -13.43 0.27
C ASN A 163 -2.67 -14.49 -0.82
N ILE A 164 -2.87 -14.02 -2.04
CA ILE A 164 -2.70 -14.83 -3.23
C ILE A 164 -1.30 -14.51 -3.77
N VAL A 165 -1.12 -13.34 -4.39
CA VAL A 165 0.22 -12.86 -4.68
C VAL A 165 0.84 -12.45 -3.33
N PRO A 166 2.01 -13.00 -2.98
CA PRO A 166 2.68 -12.52 -1.77
C PRO A 166 2.96 -11.03 -1.83
N VAL A 167 2.44 -10.30 -0.84
CA VAL A 167 2.65 -8.86 -0.74
C VAL A 167 3.08 -8.52 0.67
N THR A 168 4.16 -7.76 0.78
CA THR A 168 4.56 -7.18 2.06
C THR A 168 4.10 -5.73 2.09
N VAL A 170 3.83 -2.68 4.97
CA VAL A 170 4.15 -2.26 6.31
C VAL A 170 4.01 -0.77 6.48
N GLU A 171 3.57 -0.36 7.66
CA GLU A 171 3.53 1.04 8.03
C GLU A 171 4.64 1.34 9.02
N ILE A 173 6.52 4.16 11.46
CA ILE A 173 6.53 5.44 12.16
C ILE A 173 7.89 5.52 12.83
N VAL A 174 8.69 6.50 12.41
CA VAL A 174 10.10 6.54 12.76
C VAL A 174 10.45 7.89 13.35
N GLU A 175 11.09 7.88 14.52
CA GLU A 175 11.50 9.12 15.18
C GLU A 175 12.74 9.70 14.50
N PRO A 176 12.88 11.05 14.51
CA PRO A 176 14.03 11.67 13.85
C PRO A 176 15.34 11.09 14.38
N GLY A 177 16.24 10.78 13.45
CA GLY A 177 17.55 10.21 13.80
C GLY A 177 17.61 8.69 13.85
N THR A 178 16.45 8.04 13.91
CA THR A 178 16.41 6.58 13.93
C THR A 178 16.47 5.97 12.53
N THR A 179 17.25 4.90 12.43
CA THR A 179 17.37 4.10 11.21
C THR A 179 16.63 2.78 11.41
N VAL A 180 15.85 2.41 10.39
CA VAL A 180 15.05 1.18 10.36
C VAL A 180 15.42 0.42 9.11
N VAL A 181 15.41 -0.90 9.18
CA VAL A 181 15.68 -1.75 8.03
C VAL A 181 14.48 -2.62 7.72
N GLN A 182 14.08 -2.65 6.45
CA GLN A 182 13.10 -3.61 5.96
C GLN A 182 13.76 -4.64 5.03
N ASP A 183 13.58 -5.92 5.34
CA ASP A 183 14.05 -7.03 4.48
C ASP A 183 13.07 -7.31 3.37
N LEU A 184 13.60 -7.61 2.17
CA LEU A 184 12.75 -8.01 1.05
C LEU A 184 13.44 -9.10 0.26
N PRO A 185 12.69 -10.13 -0.16
CA PRO A 185 13.25 -11.11 -1.09
C PRO A 185 13.69 -10.40 -2.37
N GLY A 186 14.78 -10.86 -2.98
CA GLY A 186 15.36 -10.15 -4.12
C GLY A 186 14.45 -9.97 -5.32
N HIS A 187 13.51 -10.88 -5.50
CA HIS A 187 12.64 -10.82 -6.67
C HIS A 187 11.41 -9.92 -6.44
N TYR A 188 11.20 -9.47 -5.20
CA TYR A 188 10.06 -8.59 -4.94
C TYR A 188 10.28 -7.24 -5.62
N ASN A 189 9.17 -6.64 -6.05
CA ASN A 189 9.15 -5.35 -6.69
C ASN A 189 8.34 -4.43 -5.80
N GLY A 190 8.87 -3.24 -5.50
CA GLY A 190 8.14 -2.38 -4.59
C GLY A 190 8.54 -0.93 -4.55
N PHE A 191 7.96 -0.24 -3.59
CA PHE A 191 8.11 1.19 -3.45
C PHE A 191 7.59 1.57 -2.08
N LEU A 192 7.79 2.80 -1.69
CA LEU A 192 7.15 3.32 -0.48
C LEU A 192 6.52 4.67 -0.77
N TYR A 193 5.52 5.03 0.03
CA TYR A 193 4.88 6.33 -0.09
C TYR A 193 4.91 7.01 1.25
N ILE A 194 5.35 8.27 1.29
CA ILE A 194 5.55 8.96 2.55
C ILE A 194 4.32 9.79 2.91
N LEU A 195 3.75 9.50 4.08
CA LEU A 195 2.56 10.19 4.57
C LEU A 195 2.91 11.49 5.30
N GLU A 196 4.01 11.46 6.05
CA GLU A 196 4.36 12.56 6.98
C GLU A 196 5.87 12.60 7.12
N GLY A 197 6.43 13.80 7.17
CA GLY A 197 7.84 13.97 7.46
C GLY A 197 8.77 13.73 6.28
N SER A 198 10.01 13.38 6.61
CA SER A 198 11.06 13.23 5.62
C SER A 198 12.18 12.38 6.19
N GLY A 199 13.03 11.90 5.28
CA GLY A 199 14.14 11.06 5.67
C GLY A 199 15.06 10.83 4.50
N VAL A 200 16.01 9.93 4.68
CA VAL A 200 16.87 9.47 3.59
C VAL A 200 16.73 7.94 3.47
N PHE A 201 16.92 7.43 2.25
CA PHE A 201 16.45 6.08 1.92
C PHE A 201 17.43 5.35 1.05
N GLY A 202 17.60 4.06 1.33
CA GLY A 202 18.37 3.17 0.46
C GLY A 202 19.87 3.34 0.57
N ALA A 203 20.58 2.62 -0.30
CA ALA A 203 22.03 2.58 -0.27
C ALA A 203 22.70 3.95 -0.43
N ASP A 204 22.07 4.83 -1.19
CA ASP A 204 22.64 6.13 -1.52
C ASP A 204 22.03 7.28 -0.72
N ASN A 205 21.22 6.96 0.28
CA ASN A 205 20.62 7.98 1.15
C ASN A 205 19.87 9.07 0.37
N ILE A 206 19.01 8.61 -0.52
CA ILE A 206 18.18 9.49 -1.34
C ILE A 206 17.10 10.13 -0.48
N GLU A 207 16.90 11.44 -0.62
CA GLU A 207 15.93 12.16 0.18
C GLU A 207 14.53 11.84 -0.28
N GLY A 208 13.63 11.75 0.70
CA GLY A 208 12.21 11.63 0.42
C GLY A 208 11.41 12.41 1.45
N LYS A 209 10.30 12.99 1.01
CA LYS A 209 9.41 13.72 1.92
C LYS A 209 7.94 13.40 1.65
N ALA A 210 7.07 13.83 2.56
CA ALA A 210 5.65 13.59 2.44
C ALA A 210 5.11 13.95 1.06
N GLY A 211 4.31 13.03 0.52
CA GLY A 211 3.70 13.22 -0.80
C GLY A 211 4.52 12.64 -1.93
N GLN A 212 5.60 11.95 -1.58
CA GLN A 212 6.45 11.30 -2.58
C GLN A 212 6.40 9.79 -2.49
N ALA A 213 6.46 9.15 -3.65
CA ALA A 213 6.67 7.71 -3.77
C ALA A 213 8.09 7.44 -4.21
N LEU A 214 8.76 6.53 -3.51
CA LEU A 214 10.16 6.18 -3.79
C LEU A 214 10.20 4.73 -4.22
N PHE A 215 10.67 4.49 -5.44
CA PHE A 215 10.64 3.15 -6.03
C PHE A 215 11.97 2.46 -5.85
N PHE A 216 11.93 1.14 -5.63
CA PHE A 216 13.12 0.38 -5.28
C PHE A 216 13.77 -0.26 -6.50
N SER A 217 15.10 -0.36 -6.46
CA SER A 217 15.86 -1.16 -7.41
C SER A 217 15.38 -2.60 -7.40
N ARG A 218 15.56 -3.26 -8.54
CA ARG A 218 15.24 -4.66 -8.70
C ARG A 218 16.46 -5.54 -8.49
N HIS A 219 16.24 -6.73 -7.95
CA HIS A 219 17.31 -7.66 -7.68
C HIS A 219 16.92 -9.06 -8.17
N ASN A 220 17.72 -10.06 -7.83
CA ASN A 220 17.52 -11.42 -8.32
C ASN A 220 16.77 -12.29 -7.34
N ARG A 221 15.97 -13.22 -7.87
CA ARG A 221 15.32 -14.21 -7.03
C ARG A 221 16.38 -14.96 -6.22
N GLY A 222 16.07 -15.21 -4.95
CA GLY A 222 16.97 -15.93 -4.07
C GLY A 222 17.93 -15.05 -3.29
N GLU A 223 18.00 -13.77 -3.63
CA GLU A 223 18.86 -12.83 -2.90
C GLU A 223 18.13 -12.23 -1.72
N GLU A 224 18.86 -12.06 -0.61
CA GLU A 224 18.30 -11.42 0.56
C GLU A 224 18.68 -9.95 0.45
N THR A 225 17.66 -9.09 0.33
CA THR A 225 17.91 -7.65 0.17
C THR A 225 17.31 -6.87 1.34
N GLU A 226 17.79 -5.65 1.52
CA GLU A 226 17.32 -4.77 2.58
C GLU A 226 17.15 -3.35 2.08
N LEU A 227 16.17 -2.66 2.64
CA LEU A 227 16.04 -1.22 2.43
C LEU A 227 16.20 -0.46 3.73
N ASN A 228 17.18 0.43 3.75
CA ASN A 228 17.47 1.29 4.89
C ASN A 228 16.64 2.56 4.86
N VAL A 229 16.11 2.94 6.01
CA VAL A 229 15.29 4.14 6.16
C VAL A 229 15.81 4.91 7.37
N THR A 230 16.17 6.18 7.18
CA THR A 230 16.58 7.05 8.31
C THR A 230 15.68 8.28 8.36
N ALA A 231 14.97 8.48 9.47
CA ALA A 231 14.10 9.67 9.59
C ALA A 231 14.93 10.91 9.83
N ARG A 232 14.57 11.99 9.15
CA ARG A 232 15.10 13.30 9.50
C ARG A 232 14.08 14.13 10.28
N GLU A 233 12.85 14.23 9.76
CA GLU A 233 11.72 14.66 10.57
C GLU A 233 10.94 13.42 11.05
N LYS A 234 10.00 13.60 11.97
CA LYS A 234 9.11 12.51 12.38
C LYS A 234 8.47 11.94 11.13
N LEU A 235 8.72 10.66 10.87
CA LEU A 235 8.41 10.04 9.58
C LEU A 235 7.32 8.99 9.68
N ARG A 236 6.33 9.08 8.80
CA ARG A 236 5.33 8.04 8.68
C ARG A 236 5.21 7.65 7.21
N LEU A 237 5.26 6.35 6.91
CA LEU A 237 5.24 5.91 5.52
C LEU A 237 4.63 4.52 5.39
N LEU A 238 4.18 4.22 4.18
CA LEU A 238 3.73 2.87 3.82
C LEU A 238 4.68 2.29 2.79
N LEU A 239 5.14 1.06 3.04
CA LEU A 239 5.99 0.34 2.09
C LEU A 239 5.19 -0.82 1.52
N TYR A 240 5.21 -0.94 0.20
CA TYR A 240 4.50 -2.00 -0.51
C TYR A 240 5.50 -2.73 -1.39
N ALA A 241 5.55 -4.06 -1.29
CA ALA A 241 6.42 -4.82 -2.17
C ALA A 241 5.79 -6.18 -2.39
N GLY A 242 5.89 -6.71 -3.61
CA GLY A 242 5.24 -7.96 -3.88
C GLY A 242 5.97 -8.81 -4.89
N GLU A 243 5.54 -10.07 -4.99
CA GLU A 243 6.13 -10.98 -5.94
C GLU A 243 5.52 -10.76 -7.31
N PRO A 244 6.33 -10.38 -8.33
CA PRO A 244 5.77 -10.21 -9.67
C PRO A 244 5.05 -11.45 -10.21
N VAL A 245 3.97 -11.19 -10.94
CA VAL A 245 3.14 -12.24 -11.55
C VAL A 245 3.80 -12.73 -12.83
N ASN A 246 4.44 -11.82 -13.56
CA ASN A 246 5.15 -12.17 -14.79
C ASN A 246 4.24 -12.81 -15.84
N GLU A 247 3.05 -12.23 -15.98
CA GLU A 247 2.11 -12.69 -17.01
C GLU A 247 1.68 -11.53 -17.87
N PRO A 248 1.51 -11.78 -19.20
CA PRO A 248 1.00 -10.73 -20.08
C PRO A 248 -0.29 -10.17 -19.50
N VAL A 249 -0.39 -8.84 -19.44
CA VAL A 249 -1.55 -8.17 -18.91
C VAL A 249 -2.53 -7.76 -20.02
#